data_3L48
#
_entry.id   3L48
#
_cell.length_a   100.936
_cell.length_b   100.936
_cell.length_c   89.540
_cell.angle_alpha   90.00
_cell.angle_beta   90.00
_cell.angle_gamma   90.00
#
_symmetry.space_group_name_H-M   'P 42 21 2'
#
loop_
_entity.id
_entity.type
_entity.pdbx_description
1 polymer 'Outer membrane usher protein PapC'
2 non-polymer 'COBALT (II) ION'
3 water water
#
_entity_poly.entity_id   1
_entity_poly.type   'polypeptide(L)'
_entity_poly.pdbx_seq_one_letter_code
;KFSVLKGKRLFAILRLADGSQPPFGASVTSEKGRELGMVADEGLAWLSGVTPGETLSVNWDGKIQCQVNVPETAISDQQL
LLPCTPQKHHHHHH
;
_entity_poly.pdbx_strand_id   A,B,C,D,E
#
loop_
_chem_comp.id
_chem_comp.type
_chem_comp.name
_chem_comp.formula
CO non-polymer 'COBALT (II) ION' 'Co 2'
#
# COMPACT_ATOMS: atom_id res chain seq x y z
N GLY A 7 10.40 -6.34 6.87
CA GLY A 7 9.68 -5.79 5.75
C GLY A 7 10.31 -4.51 5.24
N LYS A 8 10.50 -4.40 3.94
CA LYS A 8 11.29 -3.30 3.38
C LYS A 8 10.59 -2.39 2.39
N ARG A 9 9.71 -2.90 1.54
CA ARG A 9 8.93 -2.00 0.69
C ARG A 9 7.60 -1.62 1.32
N LEU A 10 7.38 -0.32 1.50
CA LEU A 10 6.17 0.16 2.13
C LEU A 10 5.36 1.06 1.22
N PHE A 11 4.04 0.92 1.27
CA PHE A 11 3.14 1.85 0.60
C PHE A 11 2.68 2.86 1.65
N ALA A 12 3.36 4.00 1.69
CA ALA A 12 3.15 4.96 2.77
C ALA A 12 2.13 6.04 2.43
N ILE A 13 1.12 6.17 3.28
CA ILE A 13 0.18 7.27 3.19
C ILE A 13 0.64 8.36 4.14
N LEU A 14 1.22 9.42 3.59
CA LEU A 14 1.80 10.48 4.40
C LEU A 14 0.85 11.65 4.64
N ARG A 15 0.68 12.01 5.91
N ARG A 15 0.69 12.01 5.91
CA ARG A 15 -0.06 13.22 6.26
CA ARG A 15 -0.07 13.19 6.31
C ARG A 15 0.60 13.90 7.45
C ARG A 15 0.68 13.90 7.43
N LEU A 16 0.66 15.24 7.40
CA LEU A 16 1.24 16.01 8.49
C LEU A 16 0.28 16.02 9.67
N ALA A 17 0.80 16.40 10.84
CA ALA A 17 -0.01 16.48 12.05
C ALA A 17 -1.22 17.40 11.85
N ASP A 18 -1.06 18.41 10.99
CA ASP A 18 -2.14 19.37 10.77
C ASP A 18 -3.14 18.88 9.73
N GLY A 19 -2.86 17.72 9.14
CA GLY A 19 -3.77 17.10 8.19
C GLY A 19 -3.41 17.30 6.73
N SER A 20 -2.42 18.15 6.46
CA SER A 20 -2.02 18.44 5.09
C SER A 20 -1.17 17.32 4.50
N GLN A 21 -0.88 17.41 3.21
CA GLN A 21 -0.09 16.40 2.51
C GLN A 21 1.24 16.97 2.05
N PRO A 22 2.33 16.22 2.25
CA PRO A 22 3.60 16.63 1.66
C PRO A 22 3.43 16.76 0.15
N PRO A 23 4.09 17.71 -0.49
CA PRO A 23 3.86 18.00 -1.90
C PRO A 23 4.41 16.94 -2.85
N PHE A 24 3.72 16.80 -3.99
CA PHE A 24 4.17 16.00 -5.11
C PHE A 24 5.63 16.32 -5.45
N GLY A 25 6.50 15.32 -5.32
CA GLY A 25 7.90 15.52 -5.68
C GLY A 25 8.83 15.65 -4.48
N ALA A 26 8.26 15.62 -3.28
CA ALA A 26 9.07 15.61 -2.06
C ALA A 26 9.85 14.30 -1.98
N SER A 27 11.01 14.33 -1.34
CA SER A 27 11.80 13.12 -1.18
C SER A 27 11.71 12.57 0.25
N VAL A 28 11.83 11.26 0.37
CA VAL A 28 11.81 10.60 1.67
C VAL A 28 13.15 9.91 1.89
N THR A 29 13.81 10.24 2.99
CA THR A 29 15.16 9.74 3.23
C THR A 29 15.27 9.03 4.56
N SER A 30 16.13 8.02 4.61
CA SER A 30 16.35 7.25 5.83
C SER A 30 17.26 7.99 6.80
N GLU A 31 17.35 7.50 8.02
CA GLU A 31 18.27 8.06 9.00
C GLU A 31 19.66 8.17 8.37
N LYS A 32 20.03 7.12 7.64
CA LYS A 32 21.35 7.05 7.01
C LYS A 32 21.52 8.11 5.92
N GLY A 33 20.41 8.62 5.41
CA GLY A 33 20.45 9.66 4.39
C GLY A 33 20.11 9.15 3.00
N ARG A 34 19.74 7.87 2.92
CA ARG A 34 19.42 7.26 1.64
C ARG A 34 18.00 7.61 1.20
N GLU A 35 17.83 7.89 -0.09
CA GLU A 35 16.52 8.20 -0.64
C GLU A 35 15.74 6.94 -0.95
N LEU A 36 14.72 6.68 -0.14
CA LEU A 36 13.97 5.44 -0.22
C LEU A 36 12.76 5.57 -1.15
N GLY A 37 12.41 6.81 -1.49
CA GLY A 37 11.27 7.04 -2.36
C GLY A 37 10.91 8.50 -2.49
N MET A 38 9.95 8.78 -3.36
CA MET A 38 9.49 10.13 -3.63
C MET A 38 7.98 10.18 -3.46
N VAL A 39 7.48 11.31 -2.97
CA VAL A 39 6.05 11.47 -2.77
C VAL A 39 5.36 11.74 -4.10
N ALA A 40 4.32 10.96 -4.39
CA ALA A 40 3.53 11.21 -5.59
C ALA A 40 2.32 12.07 -5.25
N ASP A 41 1.18 11.73 -5.85
N ASP A 41 1.18 11.78 -5.88
CA ASP A 41 -0.08 12.43 -5.64
CA ASP A 41 -0.01 12.56 -5.60
C ASP A 41 -0.68 12.06 -4.29
C ASP A 41 -0.71 12.06 -4.33
N GLU A 42 -1.51 12.95 -3.74
CA GLU A 42 -2.26 12.65 -2.52
C GLU A 42 -1.41 12.11 -1.36
N GLY A 43 -0.19 12.60 -1.24
CA GLY A 43 0.66 12.22 -0.12
C GLY A 43 1.11 10.76 -0.09
N LEU A 44 0.91 10.06 -1.20
CA LEU A 44 1.33 8.66 -1.29
C LEU A 44 2.81 8.55 -1.67
N ALA A 45 3.55 7.71 -0.95
CA ALA A 45 4.95 7.46 -1.26
C ALA A 45 5.33 5.98 -1.13
N TRP A 46 5.70 5.37 -2.25
CA TRP A 46 6.23 4.00 -2.22
C TRP A 46 7.70 4.04 -1.80
N LEU A 47 8.01 3.38 -0.69
CA LEU A 47 9.35 3.41 -0.14
C LEU A 47 10.06 2.07 -0.28
N SER A 48 11.29 2.10 -0.81
CA SER A 48 12.10 0.90 -0.97
C SER A 48 13.15 0.80 0.13
N GLY A 49 13.39 -0.42 0.60
CA GLY A 49 14.47 -0.69 1.54
C GLY A 49 14.32 -0.01 2.87
N VAL A 50 13.09 0.10 3.36
CA VAL A 50 12.82 0.71 4.65
C VAL A 50 13.14 -0.26 5.79
N THR A 51 13.71 0.27 6.85
CA THR A 51 13.99 -0.53 8.04
C THR A 51 12.93 -0.26 9.10
N PRO A 52 12.24 -1.33 9.53
CA PRO A 52 11.21 -1.17 10.57
C PRO A 52 11.79 -0.51 11.82
N GLY A 53 11.14 0.54 12.30
CA GLY A 53 11.58 1.22 13.52
C GLY A 53 12.41 2.46 13.30
N GLU A 54 12.87 2.69 12.07
CA GLU A 54 13.72 3.83 11.79
C GLU A 54 12.92 5.12 11.64
N THR A 55 13.63 6.24 11.68
CA THR A 55 13.03 7.56 11.49
C THR A 55 13.34 8.09 10.10
N LEU A 56 12.31 8.38 9.32
CA LEU A 56 12.50 8.92 7.99
C LEU A 56 12.23 10.42 8.01
N SER A 57 12.93 11.15 7.15
CA SER A 57 12.67 12.57 6.99
C SER A 57 12.07 12.83 5.62
N VAL A 58 11.09 13.73 5.56
CA VAL A 58 10.46 14.09 4.31
C VAL A 58 10.93 15.48 3.91
N ASN A 59 11.53 15.59 2.73
CA ASN A 59 12.17 16.82 2.32
C ASN A 59 11.50 17.50 1.13
N TRP A 60 11.35 18.81 1.23
CA TRP A 60 11.04 19.65 0.08
C TRP A 60 11.45 21.09 0.34
N ASP A 61 11.57 21.87 -0.73
CA ASP A 61 12.06 23.24 -0.63
C ASP A 61 13.41 23.27 0.07
N GLY A 62 14.30 22.37 -0.34
CA GLY A 62 15.66 22.30 0.17
C GLY A 62 15.74 22.22 1.69
N LYS A 63 14.84 21.46 2.29
CA LYS A 63 14.75 21.43 3.75
C LYS A 63 14.01 20.19 4.27
N ILE A 64 14.47 19.67 5.39
CA ILE A 64 13.71 18.66 6.12
C ILE A 64 12.46 19.33 6.68
N GLN A 65 11.29 18.91 6.21
CA GLN A 65 10.05 19.54 6.61
C GLN A 65 9.41 18.84 7.81
N CYS A 66 9.45 17.50 7.80
N CYS A 66 9.46 17.50 7.80
CA CYS A 66 8.90 16.71 8.90
CA CYS A 66 8.89 16.71 8.88
C CYS A 66 9.50 15.31 8.91
C CYS A 66 9.49 15.31 8.91
N GLN A 67 9.25 14.59 10.00
CA GLN A 67 9.78 13.25 10.15
C GLN A 67 8.69 12.26 10.56
N VAL A 68 8.89 11.00 10.17
CA VAL A 68 7.96 9.94 10.50
C VAL A 68 8.70 8.80 11.20
N ASN A 69 7.99 8.09 12.07
CA ASN A 69 8.54 6.92 12.73
C ASN A 69 7.95 5.66 12.14
N VAL A 70 8.76 4.90 11.41
CA VAL A 70 8.29 3.65 10.83
C VAL A 70 8.06 2.63 11.93
N PRO A 71 6.80 2.15 12.06
CA PRO A 71 6.48 1.17 13.09
C PRO A 71 7.43 -0.02 13.06
N GLU A 72 7.73 -0.57 14.24
CA GLU A 72 8.63 -1.71 14.34
C GLU A 72 8.00 -2.93 13.67
N THR A 73 6.68 -2.88 13.51
CA THR A 73 5.93 -4.01 12.96
C THR A 73 5.70 -3.90 11.45
N ALA A 74 6.34 -2.93 10.83
CA ALA A 74 6.20 -2.75 9.38
C ALA A 74 6.78 -3.95 8.62
N ILE A 75 6.01 -4.48 7.68
CA ILE A 75 6.49 -5.56 6.82
C ILE A 75 6.27 -5.22 5.35
N SER A 76 6.85 -6.01 4.47
CA SER A 76 6.88 -5.69 3.05
C SER A 76 5.50 -5.70 2.41
N ASP A 77 5.29 -4.77 1.48
CA ASP A 77 4.01 -4.58 0.79
C ASP A 77 2.88 -4.20 1.73
N GLN A 78 3.22 -3.58 2.85
CA GLN A 78 2.20 -3.09 3.76
C GLN A 78 1.88 -1.63 3.46
N GLN A 79 0.59 -1.32 3.33
CA GLN A 79 0.15 0.06 3.27
C GLN A 79 -0.07 0.56 4.69
N LEU A 80 0.52 1.68 5.04
CA LEU A 80 0.29 2.25 6.36
C LEU A 80 0.37 3.77 6.39
N LEU A 81 -0.40 4.36 7.29
CA LEU A 81 -0.37 5.79 7.55
C LEU A 81 0.92 6.14 8.26
N LEU A 82 1.63 7.14 7.75
CA LEU A 82 2.79 7.67 8.46
C LEU A 82 2.58 9.14 8.79
N PRO A 83 2.13 9.42 10.02
CA PRO A 83 1.96 10.82 10.45
C PRO A 83 3.28 11.55 10.40
N CYS A 84 3.35 12.62 9.62
N CYS A 84 3.34 12.61 9.60
CA CYS A 84 4.59 13.37 9.47
CA CYS A 84 4.54 13.42 9.47
C CYS A 84 4.61 14.60 10.39
C CYS A 84 4.51 14.55 10.49
N THR A 85 5.48 14.56 11.40
CA THR A 85 5.55 15.61 12.40
C THR A 85 6.82 16.44 12.23
N PRO A 86 6.66 17.77 12.11
CA PRO A 86 7.77 18.70 12.07
C PRO A 86 8.73 18.43 13.22
N GLN A 87 10.02 18.46 12.95
CA GLN A 87 11.04 18.18 13.97
C GLN A 87 10.77 18.97 15.24
N GLY B 7 -19.46 4.42 -3.42
CA GLY B 7 -18.36 3.58 -3.84
C GLY B 7 -17.08 3.86 -3.07
N LYS B 8 -16.22 2.84 -2.98
CA LYS B 8 -14.97 2.97 -2.23
C LYS B 8 -13.78 2.96 -3.17
N ARG B 9 -12.71 3.62 -2.76
CA ARG B 9 -11.41 3.40 -3.38
C ARG B 9 -10.76 2.25 -2.65
N LEU B 10 -10.09 1.37 -3.38
CA LEU B 10 -9.34 0.28 -2.78
C LEU B 10 -7.99 0.11 -3.47
N PHE B 11 -6.96 -0.23 -2.71
CA PHE B 11 -5.74 -0.73 -3.31
C PHE B 11 -5.73 -2.26 -3.22
N ALA B 12 -5.80 -2.91 -4.38
CA ALA B 12 -5.98 -4.35 -4.44
C ALA B 12 -4.68 -5.08 -4.75
N ILE B 13 -4.35 -6.05 -3.91
CA ILE B 13 -3.29 -7.00 -4.20
C ILE B 13 -3.97 -8.25 -4.73
N LEU B 14 -3.94 -8.42 -6.05
CA LEU B 14 -4.65 -9.52 -6.68
C LEU B 14 -3.77 -10.75 -6.88
N ARG B 15 -4.23 -11.89 -6.36
N ARG B 15 -4.20 -11.88 -6.35
CA ARG B 15 -3.54 -13.16 -6.54
CA ARG B 15 -3.51 -13.15 -6.55
C ARG B 15 -4.53 -14.26 -6.86
C ARG B 15 -4.52 -14.25 -6.86
N LEU B 16 -4.18 -15.10 -7.82
CA LEU B 16 -5.03 -16.25 -8.16
C LEU B 16 -4.93 -17.27 -7.03
N ALA B 17 -5.81 -18.27 -7.08
CA ALA B 17 -5.82 -19.32 -6.06
C ALA B 17 -4.48 -20.04 -5.94
N ASP B 18 -3.77 -20.17 -7.06
CA ASP B 18 -2.49 -20.87 -7.06
C ASP B 18 -1.35 -19.93 -6.67
N GLY B 19 -1.67 -18.66 -6.51
CA GLY B 19 -0.68 -17.69 -6.08
C GLY B 19 -0.09 -16.84 -7.19
N SER B 20 -0.51 -17.10 -8.42
CA SER B 20 -0.01 -16.34 -9.57
C SER B 20 -0.65 -14.95 -9.64
N GLN B 21 -0.16 -14.12 -10.57
CA GLN B 21 -0.62 -12.74 -10.70
C GLN B 21 -1.38 -12.49 -12.01
N PRO B 22 -2.49 -11.76 -11.93
CA PRO B 22 -3.10 -11.26 -13.18
C PRO B 22 -2.09 -10.36 -13.88
N PRO B 23 -2.08 -10.36 -15.21
CA PRO B 23 -1.07 -9.63 -15.98
C PRO B 23 -1.30 -8.13 -15.97
N PHE B 24 -0.22 -7.36 -16.13
CA PHE B 24 -0.34 -5.94 -16.38
C PHE B 24 -1.25 -5.73 -17.59
N GLY B 25 -2.18 -4.79 -17.47
CA GLY B 25 -3.10 -4.51 -18.56
C GLY B 25 -4.45 -5.18 -18.40
N ALA B 26 -4.55 -6.10 -17.45
CA ALA B 26 -5.84 -6.72 -17.13
C ALA B 26 -6.77 -5.63 -16.61
N SER B 27 -8.08 -5.84 -16.76
CA SER B 27 -9.05 -4.88 -16.24
C SER B 27 -9.91 -5.50 -15.14
N VAL B 28 -10.30 -4.66 -14.18
CA VAL B 28 -11.17 -5.10 -13.10
C VAL B 28 -12.53 -4.42 -13.24
N THR B 29 -13.58 -5.22 -13.35
CA THR B 29 -14.92 -4.68 -13.59
C THR B 29 -15.90 -5.04 -12.47
N SER B 30 -16.84 -4.13 -12.23
CA SER B 30 -17.86 -4.34 -11.21
C SER B 30 -18.91 -5.32 -11.69
N GLU B 31 -19.83 -5.69 -10.80
CA GLU B 31 -20.95 -6.55 -11.16
C GLU B 31 -21.79 -5.90 -12.26
N LYS B 32 -21.84 -4.57 -12.27
CA LYS B 32 -22.60 -3.86 -13.27
C LYS B 32 -21.80 -3.64 -14.56
N GLY B 33 -20.60 -4.22 -14.61
CA GLY B 33 -19.80 -4.19 -15.81
C GLY B 33 -18.95 -2.94 -16.01
N ARG B 34 -18.90 -2.09 -14.99
CA ARG B 34 -18.08 -0.88 -15.08
C ARG B 34 -16.63 -1.14 -14.68
N GLU B 35 -15.70 -0.61 -15.46
CA GLU B 35 -14.28 -0.73 -15.18
C GLU B 35 -13.90 0.11 -13.96
N LEU B 36 -13.38 -0.53 -12.92
CA LEU B 36 -13.05 0.16 -11.68
C LEU B 36 -11.55 0.46 -11.59
N GLY B 37 -10.77 -0.16 -12.47
CA GLY B 37 -9.34 0.04 -12.47
C GLY B 37 -8.59 -0.95 -13.36
N MET B 38 -7.32 -0.68 -13.57
CA MET B 38 -6.48 -1.52 -14.42
C MET B 38 -5.37 -2.13 -13.58
N VAL B 39 -4.92 -3.32 -13.96
CA VAL B 39 -3.86 -3.99 -13.23
C VAL B 39 -2.49 -3.55 -13.72
N ALA B 40 -1.66 -3.09 -12.80
CA ALA B 40 -0.28 -2.75 -13.11
C ALA B 40 0.56 -4.02 -13.04
N ASP B 41 1.83 -3.88 -12.69
CA ASP B 41 2.68 -5.04 -12.47
C ASP B 41 2.44 -5.59 -11.07
N GLU B 42 2.90 -6.82 -10.83
CA GLU B 42 2.85 -7.43 -9.50
C GLU B 42 1.41 -7.64 -9.01
N GLY B 43 0.46 -7.70 -9.93
CA GLY B 43 -0.93 -7.90 -9.59
C GLY B 43 -1.52 -6.81 -8.71
N LEU B 44 -0.97 -5.61 -8.79
CA LEU B 44 -1.46 -4.48 -7.99
C LEU B 44 -2.42 -3.61 -8.80
N ALA B 45 -3.48 -3.13 -8.15
CA ALA B 45 -4.45 -2.29 -8.83
C ALA B 45 -5.12 -1.27 -7.90
N TRP B 46 -5.13 -0.01 -8.34
CA TRP B 46 -5.97 1.00 -7.70
C TRP B 46 -7.39 0.90 -8.24
N LEU B 47 -8.34 0.65 -7.35
CA LEU B 47 -9.74 0.56 -7.76
C LEU B 47 -10.53 1.73 -7.19
N SER B 48 -11.52 2.20 -7.94
CA SER B 48 -12.40 3.25 -7.45
C SER B 48 -13.84 2.88 -7.78
N GLY B 49 -14.77 3.43 -7.01
CA GLY B 49 -16.18 3.13 -7.21
C GLY B 49 -16.52 1.69 -6.89
N VAL B 50 -15.79 1.11 -5.95
CA VAL B 50 -16.03 -0.26 -5.51
C VAL B 50 -17.19 -0.32 -4.52
N THR B 51 -18.11 -1.26 -4.75
CA THR B 51 -19.20 -1.50 -3.82
C THR B 51 -18.84 -2.67 -2.90
N PRO B 52 -18.71 -2.41 -1.59
CA PRO B 52 -18.41 -3.50 -0.66
C PRO B 52 -19.40 -4.64 -0.83
N GLY B 53 -18.92 -5.87 -0.71
CA GLY B 53 -19.80 -7.03 -0.81
C GLY B 53 -20.02 -7.53 -2.23
N GLU B 54 -19.60 -6.74 -3.22
CA GLU B 54 -19.83 -7.13 -4.61
C GLU B 54 -18.74 -8.06 -5.14
N THR B 55 -19.04 -8.72 -6.25
CA THR B 55 -18.07 -9.57 -6.92
C THR B 55 -17.47 -8.81 -8.09
N LEU B 56 -16.15 -8.81 -8.16
CA LEU B 56 -15.44 -8.17 -9.26
C LEU B 56 -14.94 -9.21 -10.25
N SER B 57 -14.89 -8.84 -11.51
CA SER B 57 -14.31 -9.70 -12.53
C SER B 57 -12.98 -9.12 -12.97
N VAL B 58 -11.97 -9.98 -13.03
CA VAL B 58 -10.67 -9.60 -13.59
C VAL B 58 -10.58 -10.18 -14.99
N ASN B 59 -10.40 -9.32 -15.97
CA ASN B 59 -10.43 -9.72 -17.36
C ASN B 59 -9.11 -9.48 -18.08
N TRP B 60 -8.69 -10.46 -18.88
CA TRP B 60 -7.59 -10.24 -19.82
C TRP B 60 -7.68 -11.20 -21.00
N ASP B 61 -7.06 -10.82 -22.11
CA ASP B 61 -7.13 -11.60 -23.35
C ASP B 61 -8.58 -11.82 -23.81
N GLY B 62 -9.41 -10.80 -23.60
CA GLY B 62 -10.77 -10.81 -24.11
C GLY B 62 -11.76 -11.67 -23.36
N LYS B 63 -11.47 -11.97 -22.09
CA LYS B 63 -12.40 -12.76 -21.29
C LYS B 63 -12.21 -12.60 -19.78
N ILE B 64 -13.27 -12.91 -19.04
CA ILE B 64 -13.20 -12.98 -17.59
C ILE B 64 -12.33 -14.17 -17.20
N GLN B 65 -11.22 -13.90 -16.53
CA GLN B 65 -10.28 -14.94 -16.17
C GLN B 65 -10.52 -15.44 -14.75
N CYS B 66 -10.97 -14.54 -13.88
N CYS B 66 -10.96 -14.53 -13.87
CA CYS B 66 -11.23 -14.88 -12.49
CA CYS B 66 -11.23 -14.88 -12.48
C CYS B 66 -12.02 -13.79 -11.79
C CYS B 66 -12.04 -13.79 -11.80
N GLN B 67 -12.62 -14.12 -10.65
CA GLN B 67 -13.43 -13.16 -9.91
C GLN B 67 -12.98 -13.04 -8.46
N VAL B 68 -13.26 -11.88 -7.86
CA VAL B 68 -12.93 -11.63 -6.47
C VAL B 68 -14.16 -11.18 -5.69
N ASN B 69 -14.21 -11.53 -4.42
CA ASN B 69 -15.28 -11.09 -3.54
C ASN B 69 -14.82 -9.97 -2.64
N VAL B 70 -15.38 -8.78 -2.86
CA VAL B 70 -15.06 -7.64 -2.01
C VAL B 70 -15.80 -7.76 -0.68
N PRO B 71 -15.05 -7.80 0.43
CA PRO B 71 -15.61 -7.90 1.77
C PRO B 71 -16.66 -6.83 2.05
N GLU B 72 -17.67 -7.18 2.84
CA GLU B 72 -18.74 -6.25 3.21
C GLU B 72 -18.18 -5.10 4.03
N THR B 73 -17.03 -5.32 4.66
CA THR B 73 -16.46 -4.37 5.60
C THR B 73 -15.42 -3.45 4.95
N ALA B 74 -15.28 -3.55 3.63
CA ALA B 74 -14.29 -2.74 2.93
C ALA B 74 -14.59 -1.25 3.04
N ILE B 75 -13.59 -0.46 3.38
CA ILE B 75 -13.74 0.99 3.46
C ILE B 75 -12.74 1.67 2.54
N SER B 76 -12.96 2.96 2.29
CA SER B 76 -12.19 3.68 1.28
C SER B 76 -10.70 3.79 1.62
N ASP B 77 -9.87 3.62 0.60
CA ASP B 77 -8.41 3.64 0.73
C ASP B 77 -7.85 2.50 1.57
N GLN B 78 -8.64 1.45 1.74
CA GLN B 78 -8.15 0.24 2.40
C GLN B 78 -7.34 -0.58 1.40
N GLN B 79 -6.25 -1.18 1.86
CA GLN B 79 -5.51 -2.12 1.04
C GLN B 79 -5.94 -3.54 1.41
N LEU B 80 -6.23 -4.35 0.39
CA LEU B 80 -6.72 -5.71 0.62
C LEU B 80 -6.09 -6.73 -0.32
N LEU B 81 -5.78 -7.90 0.23
CA LEU B 81 -5.53 -9.08 -0.59
C LEU B 81 -6.86 -9.50 -1.16
N LEU B 82 -6.95 -9.58 -2.49
CA LEU B 82 -8.16 -10.04 -3.13
C LEU B 82 -7.91 -11.32 -3.93
N PRO B 83 -8.15 -12.48 -3.29
CA PRO B 83 -7.98 -13.77 -3.95
C PRO B 83 -8.85 -13.86 -5.20
N CYS B 84 -8.22 -14.15 -6.34
N CYS B 84 -8.23 -14.16 -6.34
CA CYS B 84 -8.92 -14.29 -7.59
CA CYS B 84 -8.97 -14.26 -7.59
C CYS B 84 -9.12 -15.77 -7.88
C CYS B 84 -9.14 -15.72 -8.00
N THR B 85 -10.38 -16.20 -7.95
CA THR B 85 -10.69 -17.59 -8.25
C THR B 85 -11.20 -17.76 -9.67
N PRO B 86 -10.49 -18.60 -10.46
CA PRO B 86 -10.81 -18.86 -11.87
C PRO B 86 -12.26 -19.28 -12.06
N LYS C 1 33.31 3.61 -25.99
CA LYS C 1 33.84 2.80 -24.91
C LYS C 1 33.08 1.48 -24.80
N PHE C 2 33.73 0.48 -24.20
CA PHE C 2 33.07 -0.79 -23.90
C PHE C 2 32.33 -0.66 -22.58
N SER C 3 31.04 -0.98 -22.57
CA SER C 3 30.23 -0.92 -21.37
C SER C 3 29.60 -2.29 -21.10
N VAL C 4 29.23 -2.54 -19.84
CA VAL C 4 28.69 -3.84 -19.46
C VAL C 4 27.16 -3.82 -19.24
N LEU C 5 26.61 -2.63 -18.97
CA LEU C 5 25.17 -2.45 -18.84
C LEU C 5 24.60 -3.25 -17.67
N LYS C 6 24.98 -2.88 -16.45
CA LYS C 6 24.56 -3.64 -15.28
C LYS C 6 23.46 -2.93 -14.49
N GLY C 7 22.54 -2.29 -15.20
CA GLY C 7 21.47 -1.55 -14.55
C GLY C 7 20.36 -2.42 -14.01
N LYS C 8 19.30 -1.78 -13.54
CA LYS C 8 18.14 -2.50 -13.02
C LYS C 8 17.07 -2.65 -14.09
N ARG C 9 16.28 -3.70 -13.96
CA ARG C 9 15.12 -3.89 -14.83
C ARG C 9 13.88 -3.89 -13.95
N LEU C 10 12.90 -3.08 -14.32
CA LEU C 10 11.73 -2.90 -13.47
C LEU C 10 10.65 -2.06 -14.13
N PHE C 11 9.41 -2.23 -13.67
CA PHE C 11 8.32 -1.38 -14.09
C PHE C 11 8.28 -0.15 -13.19
N ALA C 12 8.19 1.02 -13.79
CA ALA C 12 8.00 2.25 -13.05
C ALA C 12 6.62 2.81 -13.38
N ILE C 13 5.83 3.06 -12.34
CA ILE C 13 4.54 3.71 -12.53
C ILE C 13 4.79 5.21 -12.43
N LEU C 14 4.58 5.90 -13.54
CA LEU C 14 4.84 7.33 -13.58
C LEU C 14 3.56 8.13 -13.46
N ARG C 15 3.62 9.17 -12.63
N ARG C 15 3.60 9.16 -12.61
CA ARG C 15 2.48 10.05 -12.41
CA ARG C 15 2.46 10.04 -12.45
C ARG C 15 2.88 11.51 -12.54
C ARG C 15 2.88 11.51 -12.53
N LEU C 16 1.96 12.34 -13.02
CA LEU C 16 2.19 13.78 -13.09
C LEU C 16 1.54 14.43 -11.88
N ALA C 17 1.82 15.71 -11.68
CA ALA C 17 1.32 16.42 -10.51
C ALA C 17 -0.19 16.29 -10.31
N ASP C 18 -0.96 16.38 -11.39
CA ASP C 18 -2.41 16.37 -11.30
C ASP C 18 -3.00 14.97 -11.19
N GLY C 19 -2.14 13.97 -11.04
CA GLY C 19 -2.58 12.60 -10.90
C GLY C 19 -2.72 11.86 -12.22
N SER C 20 -2.58 12.59 -13.33
CA SER C 20 -2.64 11.98 -14.64
C SER C 20 -1.30 11.30 -14.94
N GLN C 21 -1.14 10.82 -16.17
CA GLN C 21 0.04 10.04 -16.53
C GLN C 21 0.64 10.53 -17.82
N PRO C 22 1.97 10.31 -17.99
CA PRO C 22 2.59 10.60 -19.29
C PRO C 22 1.92 9.75 -20.36
N PRO C 23 1.84 10.24 -21.59
CA PRO C 23 1.12 9.54 -22.67
C PRO C 23 1.84 8.29 -23.14
N PHE C 24 1.07 7.35 -23.69
CA PHE C 24 1.63 6.16 -24.32
C PHE C 24 2.64 6.58 -25.38
N GLY C 25 3.80 5.94 -25.38
CA GLY C 25 4.82 6.23 -26.38
C GLY C 25 5.92 7.13 -25.88
N ALA C 26 5.65 7.87 -24.80
CA ALA C 26 6.66 8.74 -24.21
C ALA C 26 7.92 7.93 -23.89
N SER C 27 9.08 8.49 -24.21
CA SER C 27 10.33 7.79 -23.99
C SER C 27 10.98 8.18 -22.68
N VAL C 28 11.54 7.20 -21.99
CA VAL C 28 12.22 7.43 -20.72
C VAL C 28 13.71 7.27 -20.94
N THR C 29 14.47 8.34 -20.72
CA THR C 29 15.91 8.31 -20.99
C THR C 29 16.74 8.46 -19.74
N SER C 30 17.88 7.77 -19.70
CA SER C 30 18.77 7.81 -18.56
C SER C 30 19.47 9.16 -18.45
N GLU C 31 20.13 9.37 -17.32
CA GLU C 31 20.89 10.59 -17.08
C GLU C 31 22.01 10.74 -18.11
N LYS C 32 22.31 9.66 -18.81
CA LYS C 32 23.38 9.65 -19.80
C LYS C 32 22.85 9.79 -21.23
N GLY C 33 21.54 9.87 -21.38
CA GLY C 33 20.92 10.06 -22.68
C GLY C 33 20.44 8.78 -23.35
N ARG C 34 20.72 7.64 -22.73
CA ARG C 34 20.29 6.35 -23.27
C ARG C 34 18.82 6.07 -22.94
N GLU C 35 18.05 5.65 -23.93
CA GLU C 35 16.65 5.34 -23.73
C GLU C 35 16.49 4.00 -23.00
N LEU C 36 15.95 4.05 -21.79
CA LEU C 36 15.80 2.85 -20.96
C LEU C 36 14.48 2.12 -21.21
N GLY C 37 13.53 2.81 -21.83
CA GLY C 37 12.23 2.23 -22.12
C GLY C 37 11.20 3.24 -22.54
N MET C 38 9.97 2.79 -22.75
CA MET C 38 8.90 3.67 -23.19
C MET C 38 7.66 3.51 -22.31
N VAL C 39 6.91 4.59 -22.17
CA VAL C 39 5.67 4.57 -21.42
C VAL C 39 4.59 3.87 -22.21
N ALA C 40 3.95 2.88 -21.59
CA ALA C 40 2.82 2.19 -22.21
C ALA C 40 1.52 2.83 -21.75
N ASP C 41 0.54 2.00 -21.41
CA ASP C 41 -0.74 2.50 -20.91
C ASP C 41 -0.70 2.70 -19.40
N GLU C 42 -1.55 3.59 -18.90
CA GLU C 42 -1.68 3.82 -17.46
C GLU C 42 -0.38 4.33 -16.82
N GLY C 43 0.47 4.96 -17.63
CA GLY C 43 1.69 5.55 -17.12
C GLY C 43 2.76 4.55 -16.74
N LEU C 44 2.54 3.29 -17.10
CA LEU C 44 3.50 2.24 -16.76
C LEU C 44 4.59 2.12 -17.80
N ALA C 45 5.85 2.13 -17.35
CA ALA C 45 6.98 2.03 -18.26
C ALA C 45 7.94 0.94 -17.81
N TRP C 46 8.22 0.00 -18.69
CA TRP C 46 9.21 -1.05 -18.41
C TRP C 46 10.61 -0.52 -18.69
N LEU C 47 11.46 -0.56 -17.67
CA LEU C 47 12.78 0.03 -17.78
C LEU C 47 13.89 -1.02 -17.62
N SER C 48 14.92 -0.89 -18.46
CA SER C 48 16.08 -1.77 -18.39
C SER C 48 17.34 -0.94 -18.20
N GLY C 49 18.28 -1.44 -17.39
CA GLY C 49 19.54 -0.78 -17.19
C GLY C 49 19.43 0.47 -16.32
N VAL C 50 18.42 0.51 -15.47
CA VAL C 50 18.18 1.64 -14.58
C VAL C 50 19.24 1.71 -13.49
N THR C 51 19.77 2.91 -13.27
CA THR C 51 20.75 3.12 -12.20
C THR C 51 20.08 3.75 -10.98
N PRO C 52 20.15 3.07 -9.83
CA PRO C 52 19.57 3.61 -8.60
C PRO C 52 20.21 4.94 -8.20
N GLY C 53 19.39 5.98 -8.08
CA GLY C 53 19.89 7.29 -7.69
C GLY C 53 20.00 8.26 -8.86
N GLU C 54 19.76 7.77 -10.07
CA GLU C 54 19.89 8.61 -11.26
C GLU C 54 18.61 9.37 -11.57
N THR C 55 18.74 10.43 -12.37
CA THR C 55 17.60 11.20 -12.83
C THR C 55 17.20 10.75 -14.23
N LEU C 56 15.95 10.36 -14.38
CA LEU C 56 15.44 9.94 -15.68
C LEU C 56 14.62 11.07 -16.31
N SER C 57 14.70 11.19 -17.63
CA SER C 57 13.93 12.20 -18.33
C SER C 57 12.80 11.53 -19.11
N VAL C 58 11.60 12.10 -19.01
CA VAL C 58 10.48 11.60 -19.78
C VAL C 58 10.14 12.58 -20.90
N ASN C 59 10.15 12.08 -22.13
CA ASN C 59 10.02 12.94 -23.30
C ASN C 59 8.80 12.61 -24.14
N TRP C 60 8.05 13.65 -24.51
CA TRP C 60 6.99 13.52 -25.50
C TRP C 60 6.64 14.88 -26.08
N ASP C 61 6.15 14.87 -27.33
CA ASP C 61 5.90 16.11 -28.06
C ASP C 61 7.21 16.85 -28.32
N GLY C 62 8.31 16.12 -28.28
CA GLY C 62 9.61 16.65 -28.63
C GLY C 62 10.35 17.37 -27.51
N LYS C 63 9.81 17.30 -26.30
CA LYS C 63 10.42 18.00 -25.16
C LYS C 63 10.66 17.05 -23.99
N ILE C 64 11.70 17.34 -23.22
CA ILE C 64 11.82 16.75 -21.90
C ILE C 64 10.71 17.38 -21.06
N GLN C 65 9.61 16.65 -20.89
CA GLN C 65 8.42 17.21 -20.25
C GLN C 65 8.53 17.21 -18.73
N CYS C 66 9.18 16.19 -18.19
N CYS C 66 9.19 16.19 -18.19
CA CYS C 66 9.39 16.09 -16.75
CA CYS C 66 9.37 16.07 -16.76
C CYS C 66 10.48 15.08 -16.42
C CYS C 66 10.46 15.06 -16.41
N GLN C 67 10.90 15.05 -15.16
CA GLN C 67 11.98 14.17 -14.73
C GLN C 67 11.64 13.35 -13.50
N VAL C 68 12.33 12.23 -13.36
CA VAL C 68 12.05 11.27 -12.30
C VAL C 68 13.32 10.95 -11.52
N ASN C 69 13.18 10.81 -10.21
CA ASN C 69 14.31 10.47 -9.35
C ASN C 69 14.24 9.03 -8.87
N VAL C 70 15.13 8.19 -9.40
CA VAL C 70 15.17 6.78 -9.01
C VAL C 70 15.75 6.62 -7.60
N PRO C 71 14.96 6.04 -6.68
CA PRO C 71 15.44 5.81 -5.32
C PRO C 71 16.75 5.01 -5.34
N GLU C 72 17.67 5.34 -4.44
CA GLU C 72 18.95 4.66 -4.42
C GLU C 72 18.86 3.28 -3.76
N THR C 73 17.65 2.91 -3.36
CA THR C 73 17.40 1.58 -2.80
C THR C 73 16.60 0.72 -3.77
N ALA C 74 16.40 1.21 -4.98
CA ALA C 74 15.63 0.49 -5.99
C ALA C 74 16.31 -0.83 -6.36
N ILE C 75 15.53 -1.90 -6.45
CA ILE C 75 16.06 -3.22 -6.80
C ILE C 75 15.34 -3.78 -8.01
N SER C 76 15.99 -4.71 -8.71
CA SER C 76 15.42 -5.31 -9.92
C SER C 76 14.09 -5.99 -9.65
N ASP C 77 13.19 -5.90 -10.63
CA ASP C 77 11.90 -6.58 -10.57
C ASP C 77 10.98 -6.11 -9.45
N GLN C 78 11.26 -4.93 -8.89
CA GLN C 78 10.33 -4.33 -7.93
C GLN C 78 9.75 -3.04 -8.48
N GLN C 79 8.43 -3.06 -8.69
CA GLN C 79 7.72 -1.94 -9.29
C GLN C 79 7.90 -0.67 -8.47
N LEU C 80 8.11 0.45 -9.16
CA LEU C 80 8.24 1.73 -8.48
C LEU C 80 7.07 2.65 -8.83
N LEU C 81 6.67 3.49 -7.88
CA LEU C 81 5.73 4.57 -8.16
C LEU C 81 6.48 5.90 -8.07
N LEU C 82 6.65 6.56 -9.21
CA LEU C 82 7.52 7.73 -9.27
C LEU C 82 6.82 8.96 -9.83
N PRO C 83 6.97 10.09 -9.13
CA PRO C 83 6.41 11.37 -9.58
C PRO C 83 7.26 11.93 -10.71
N CYS C 84 6.62 12.41 -11.77
N CYS C 84 6.61 12.40 -11.76
CA CYS C 84 7.34 13.06 -12.85
CA CYS C 84 7.30 13.07 -12.85
C CYS C 84 7.21 14.58 -12.71
C CYS C 84 7.19 14.58 -12.65
N THR C 85 8.31 15.22 -12.33
CA THR C 85 8.30 16.65 -12.02
C THR C 85 8.84 17.51 -13.17
N PRO C 86 8.12 18.61 -13.46
CA PRO C 86 8.48 19.54 -14.54
C PRO C 86 9.90 20.08 -14.38
N GLY D 7 -16.91 23.00 24.57
CA GLY D 7 -15.54 22.59 24.31
C GLY D 7 -14.98 23.14 23.02
N LYS D 8 -14.13 22.36 22.35
CA LYS D 8 -13.49 22.82 21.12
C LYS D 8 -14.16 22.24 19.88
N ARG D 9 -14.25 23.05 18.83
CA ARG D 9 -14.66 22.53 17.54
C ARG D 9 -13.42 22.17 16.73
N LEU D 10 -13.38 20.95 16.24
CA LEU D 10 -12.24 20.48 15.44
C LEU D 10 -12.68 20.01 14.06
N PHE D 11 -11.91 20.38 13.05
CA PHE D 11 -12.09 19.82 11.72
C PHE D 11 -11.13 18.65 11.60
N ALA D 12 -11.62 17.47 11.97
CA ALA D 12 -10.79 16.28 12.08
C ALA D 12 -10.65 15.53 10.76
N ILE D 13 -9.40 15.29 10.36
CA ILE D 13 -9.12 14.38 9.26
C ILE D 13 -8.78 13.00 9.84
N LEU D 14 -9.74 12.09 9.75
CA LEU D 14 -9.58 10.76 10.32
C LEU D 14 -8.96 9.75 9.35
N ARG D 15 -7.88 9.11 9.78
N ARG D 15 -7.87 9.12 9.77
CA ARG D 15 -7.25 8.05 9.00
CA ARG D 15 -7.24 8.05 9.00
C ARG D 15 -6.89 6.90 9.93
C ARG D 15 -6.89 6.90 9.92
N LEU D 16 -7.22 5.68 9.52
CA LEU D 16 -6.85 4.51 10.29
C LEU D 16 -5.34 4.29 10.18
N ALA D 17 -4.77 3.53 11.11
CA ALA D 17 -3.34 3.26 11.09
C ALA D 17 -2.89 2.65 9.77
N ASP D 18 -3.80 1.94 9.12
CA ASP D 18 -3.48 1.27 7.85
C ASP D 18 -3.61 2.22 6.67
N GLY D 19 -4.10 3.43 6.92
CA GLY D 19 -4.20 4.46 5.91
C GLY D 19 -5.58 4.65 5.29
N SER D 20 -6.54 3.83 5.71
CA SER D 20 -7.89 3.91 5.17
C SER D 20 -8.73 4.97 5.87
N GLN D 21 -9.93 5.23 5.34
CA GLN D 21 -10.81 6.26 5.87
C GLN D 21 -12.06 5.67 6.51
N PRO D 22 -12.44 6.18 7.70
CA PRO D 22 -13.73 5.81 8.28
C PRO D 22 -14.86 6.21 7.34
N PRO D 23 -15.93 5.40 7.27
CA PRO D 23 -17.03 5.57 6.31
C PRO D 23 -17.94 6.75 6.66
N PHE D 24 -18.57 7.31 5.65
CA PHE D 24 -19.58 8.34 5.87
C PHE D 24 -20.64 7.78 6.82
N GLY D 25 -20.91 8.51 7.90
CA GLY D 25 -21.94 8.09 8.84
C GLY D 25 -21.39 7.52 10.13
N ALA D 26 -20.08 7.28 10.17
CA ALA D 26 -19.46 6.79 11.39
C ALA D 26 -19.63 7.83 12.49
N SER D 27 -20.02 7.37 13.68
CA SER D 27 -20.22 8.28 14.80
C SER D 27 -18.92 8.47 15.57
N VAL D 28 -18.67 9.71 15.97
CA VAL D 28 -17.51 10.01 16.80
C VAL D 28 -18.02 10.44 18.17
N THR D 29 -17.66 9.71 19.21
CA THR D 29 -18.24 9.93 20.53
C THR D 29 -17.18 10.18 21.59
N SER D 30 -17.48 11.13 22.48
CA SER D 30 -16.59 11.48 23.57
C SER D 30 -16.56 10.40 24.63
N GLU D 31 -15.89 10.69 25.74
CA GLU D 31 -15.85 9.77 26.88
C GLU D 31 -17.06 10.01 27.78
N LYS D 32 -18.11 10.58 27.19
CA LYS D 32 -19.36 10.80 27.90
C LYS D 32 -20.50 10.15 27.12
N GLY D 33 -20.14 9.41 26.08
CA GLY D 33 -21.13 8.79 25.22
C GLY D 33 -21.88 9.80 24.38
N ARG D 34 -21.31 11.00 24.25
CA ARG D 34 -21.95 12.04 23.48
C ARG D 34 -21.42 12.11 22.06
N GLU D 35 -22.34 12.08 21.10
CA GLU D 35 -22.00 12.18 19.68
C GLU D 35 -21.44 13.57 19.42
N LEU D 36 -20.12 13.67 19.31
CA LEU D 36 -19.47 14.95 19.07
C LEU D 36 -19.58 15.34 17.60
N GLY D 37 -20.00 14.38 16.79
CA GLY D 37 -20.16 14.58 15.36
C GLY D 37 -20.04 13.26 14.65
N MET D 38 -20.21 13.27 13.33
CA MET D 38 -20.03 12.06 12.54
C MET D 38 -19.23 12.32 11.26
N VAL D 39 -18.64 11.24 10.75
CA VAL D 39 -17.80 11.34 9.57
C VAL D 39 -18.64 11.61 8.34
N ALA D 40 -18.20 12.57 7.53
CA ALA D 40 -18.81 12.82 6.23
C ALA D 40 -18.00 12.10 5.15
N ASP D 41 -17.63 12.82 4.10
CA ASP D 41 -16.83 12.24 3.03
C ASP D 41 -15.34 12.31 3.35
N GLU D 42 -14.57 11.43 2.72
CA GLU D 42 -13.11 11.46 2.82
C GLU D 42 -12.58 11.46 4.25
N GLY D 43 -13.27 10.75 5.13
CA GLY D 43 -12.85 10.65 6.53
C GLY D 43 -12.80 11.97 7.27
N LEU D 44 -13.53 12.97 6.77
CA LEU D 44 -13.58 14.26 7.44
C LEU D 44 -14.71 14.29 8.46
N ALA D 45 -14.41 14.76 9.67
CA ALA D 45 -15.42 14.87 10.71
C ALA D 45 -15.41 16.24 11.37
N TRP D 46 -16.54 16.93 11.26
CA TRP D 46 -16.76 18.23 11.86
C TRP D 46 -17.17 17.99 13.31
N LEU D 47 -16.23 18.16 14.23
CA LEU D 47 -16.50 17.83 15.62
C LEU D 47 -16.68 19.09 16.47
N SER D 48 -17.64 19.05 17.39
CA SER D 48 -17.84 20.16 18.32
C SER D 48 -17.89 19.63 19.75
N GLY D 49 -17.57 20.50 20.71
CA GLY D 49 -17.58 20.14 22.11
C GLY D 49 -16.49 19.15 22.48
N VAL D 50 -15.34 19.24 21.80
CA VAL D 50 -14.24 18.32 22.02
C VAL D 50 -13.35 18.77 23.18
N THR D 51 -12.94 17.82 24.01
CA THR D 51 -12.05 18.09 25.13
C THR D 51 -10.62 17.72 24.78
N PRO D 52 -9.70 18.69 24.85
CA PRO D 52 -8.30 18.42 24.52
C PRO D 52 -7.71 17.37 25.45
N GLY D 53 -6.95 16.43 24.88
CA GLY D 53 -6.30 15.40 25.66
C GLY D 53 -7.12 14.12 25.80
N GLU D 54 -8.40 14.20 25.50
CA GLU D 54 -9.28 13.04 25.67
C GLU D 54 -9.14 12.02 24.54
N THR D 55 -9.75 10.87 24.73
CA THR D 55 -9.75 9.82 23.72
C THR D 55 -11.14 9.69 23.10
N LEU D 56 -11.21 9.72 21.78
CA LEU D 56 -12.48 9.60 21.09
C LEU D 56 -12.66 8.19 20.53
N SER D 57 -13.90 7.75 20.43
CA SER D 57 -14.20 6.46 19.82
C SER D 57 -14.95 6.67 18.52
N VAL D 58 -14.51 5.98 17.47
CA VAL D 58 -15.18 6.05 16.18
C VAL D 58 -15.93 4.75 15.93
N ASN D 59 -17.21 4.88 15.60
CA ASN D 59 -18.10 3.73 15.53
C ASN D 59 -18.77 3.61 14.17
N TRP D 60 -18.76 2.39 13.61
CA TRP D 60 -19.57 2.07 12.46
C TRP D 60 -19.79 0.56 12.38
N ASP D 61 -20.83 0.15 11.68
CA ASP D 61 -21.23 -1.26 11.67
C ASP D 61 -21.43 -1.77 13.09
N GLY D 62 -22.04 -0.93 13.92
CA GLY D 62 -22.48 -1.33 15.24
C GLY D 62 -21.40 -1.62 16.29
N LYS D 63 -20.25 -0.99 16.15
CA LYS D 63 -19.18 -1.19 17.14
C LYS D 63 -18.08 -0.15 17.05
N ILE D 64 -17.38 0.06 18.15
CA ILE D 64 -16.18 0.88 18.17
C ILE D 64 -15.12 0.20 17.31
N GLN D 65 -14.76 0.86 16.21
CA GLN D 65 -13.80 0.30 15.27
C GLN D 65 -12.38 0.74 15.60
N CYS D 66 -12.25 1.97 16.08
N CYS D 66 -12.25 1.97 16.09
CA CYS D 66 -10.94 2.51 16.44
CA CYS D 66 -10.95 2.53 16.42
C CYS D 66 -11.07 3.72 17.36
C CYS D 66 -11.07 3.73 17.36
N GLN D 67 -9.94 4.14 17.93
CA GLN D 67 -9.94 5.27 18.85
C GLN D 67 -8.95 6.34 18.41
N VAL D 68 -9.17 7.55 18.91
CA VAL D 68 -8.33 8.69 18.58
C VAL D 68 -7.91 9.42 19.84
N ASN D 69 -6.66 9.87 19.87
CA ASN D 69 -6.17 10.70 20.96
C ASN D 69 -6.11 12.17 20.55
N VAL D 70 -7.02 12.97 21.10
CA VAL D 70 -7.03 14.40 20.83
C VAL D 70 -5.89 15.07 21.58
N PRO D 71 -4.99 15.73 20.84
CA PRO D 71 -3.83 16.41 21.44
C PRO D 71 -4.24 17.39 22.52
N GLU D 72 -3.36 17.60 23.49
CA GLU D 72 -3.62 18.54 24.57
C GLU D 72 -3.56 19.97 24.07
N THR D 73 -2.99 20.17 22.88
CA THR D 73 -2.85 21.50 22.31
C THR D 73 -3.96 21.84 21.32
N ALA D 74 -4.96 20.98 21.22
CA ALA D 74 -6.06 21.21 20.30
C ALA D 74 -6.91 22.40 20.72
N ILE D 75 -7.06 23.36 19.81
CA ILE D 75 -7.89 24.53 20.06
C ILE D 75 -8.97 24.68 18.99
N SER D 76 -9.91 25.61 19.21
CA SER D 76 -11.10 25.70 18.38
C SER D 76 -10.84 26.13 16.93
N ASP D 77 -11.55 25.48 16.02
CA ASP D 77 -11.45 25.74 14.58
C ASP D 77 -10.14 25.26 13.97
N GLN D 78 -9.42 24.42 14.71
CA GLN D 78 -8.17 23.85 14.23
C GLN D 78 -8.44 22.60 13.41
N GLN D 79 -7.86 22.52 12.21
CA GLN D 79 -7.86 21.28 11.45
C GLN D 79 -6.66 20.45 11.87
N LEU D 80 -6.87 19.16 12.08
CA LEU D 80 -5.75 18.30 12.44
C LEU D 80 -5.97 16.84 12.07
N LEU D 81 -4.87 16.13 11.85
CA LEU D 81 -4.90 14.69 11.61
C LEU D 81 -5.20 13.96 12.90
N LEU D 82 -6.17 13.05 12.86
CA LEU D 82 -6.44 12.17 13.99
C LEU D 82 -6.28 10.71 13.58
N PRO D 83 -5.08 10.16 13.78
CA PRO D 83 -4.86 8.74 13.48
C PRO D 83 -5.79 7.86 14.34
N CYS D 84 -6.56 7.00 13.68
N CYS D 84 -6.56 7.01 13.67
CA CYS D 84 -7.51 6.15 14.40
CA CYS D 84 -7.49 6.13 14.35
C CYS D 84 -6.94 4.74 14.57
C CYS D 84 -6.85 4.76 14.56
N THR D 85 -6.65 4.38 15.82
CA THR D 85 -6.04 3.09 16.14
C THR D 85 -7.03 2.14 16.81
N PRO D 86 -7.07 0.88 16.32
CA PRO D 86 -7.92 -0.18 16.89
C PRO D 86 -7.89 -0.22 18.41
N LYS E 8 4.83 -34.74 1.37
CA LYS E 8 3.71 -33.84 1.62
C LYS E 8 4.15 -32.38 1.48
N ARG E 9 4.73 -32.06 0.33
CA ARG E 9 5.28 -30.74 0.09
C ARG E 9 4.21 -29.76 -0.41
N LEU E 10 4.38 -28.50 -0.03
CA LEU E 10 3.48 -27.45 -0.46
C LEU E 10 4.27 -26.18 -0.76
N PHE E 11 4.06 -25.63 -1.95
CA PHE E 11 4.65 -24.35 -2.33
C PHE E 11 3.64 -23.26 -1.99
N ALA E 12 3.87 -22.57 -0.87
CA ALA E 12 2.91 -21.59 -0.38
C ALA E 12 3.30 -20.16 -0.75
N ILE E 13 2.35 -19.44 -1.33
CA ILE E 13 2.52 -18.00 -1.52
C ILE E 13 1.72 -17.30 -0.43
N LEU E 14 2.44 -16.74 0.53
CA LEU E 14 1.83 -16.17 1.73
C LEU E 14 1.55 -14.68 1.61
N ARG E 15 0.31 -14.29 1.85
N ARG E 15 0.30 -14.29 1.81
CA ARG E 15 -0.07 -12.88 1.90
CA ARG E 15 -0.10 -12.90 1.88
C ARG E 15 -1.02 -12.66 3.06
C ARG E 15 -0.99 -12.71 3.10
N LEU E 16 -0.76 -11.63 3.84
CA LEU E 16 -1.66 -11.27 4.94
C LEU E 16 -2.97 -10.74 4.33
N ALA E 17 -4.00 -10.64 5.15
CA ALA E 17 -5.30 -10.15 4.70
C ALA E 17 -5.21 -8.76 4.08
N ASP E 18 -4.27 -7.96 4.55
CA ASP E 18 -4.10 -6.61 4.04
C ASP E 18 -3.19 -6.57 2.81
N GLY E 19 -2.78 -7.75 2.35
CA GLY E 19 -1.98 -7.86 1.14
C GLY E 19 -0.48 -7.83 1.35
N SER E 20 -0.04 -7.70 2.60
CA SER E 20 1.38 -7.65 2.90
C SER E 20 1.99 -9.04 3.02
N GLN E 21 3.32 -9.11 3.09
CA GLN E 21 4.04 -10.37 3.09
C GLN E 21 4.77 -10.60 4.40
N PRO E 22 4.70 -11.85 4.92
CA PRO E 22 5.50 -12.22 6.09
C PRO E 22 6.98 -12.08 5.75
N PRO E 23 7.80 -11.68 6.73
CA PRO E 23 9.22 -11.37 6.48
C PRO E 23 10.07 -12.62 6.22
N PHE E 24 11.20 -12.42 5.54
CA PHE E 24 12.17 -13.47 5.34
C PHE E 24 12.58 -14.03 6.69
N GLY E 25 12.60 -15.35 6.81
CA GLY E 25 13.02 -15.99 8.04
C GLY E 25 11.90 -16.33 8.99
N ALA E 26 10.67 -15.93 8.64
CA ALA E 26 9.51 -16.33 9.43
C ALA E 26 9.40 -17.85 9.37
N SER E 27 8.99 -18.46 10.48
CA SER E 27 8.83 -19.91 10.51
C SER E 27 7.36 -20.29 10.36
N VAL E 28 7.11 -21.38 9.66
CA VAL E 28 5.76 -21.90 9.49
C VAL E 28 5.63 -23.21 10.25
N THR E 29 4.63 -23.28 11.13
CA THR E 29 4.48 -24.43 12.01
C THR E 29 3.10 -25.08 11.92
N SER E 30 3.06 -26.40 12.06
CA SER E 30 1.80 -27.14 12.05
C SER E 30 1.09 -27.00 13.38
N GLU E 31 -0.12 -27.56 13.46
CA GLU E 31 -0.90 -27.50 14.69
C GLU E 31 -0.18 -28.19 15.84
N LYS E 32 0.52 -29.28 15.53
CA LYS E 32 1.25 -30.03 16.55
C LYS E 32 2.52 -29.27 16.98
N GLY E 33 2.80 -28.16 16.29
CA GLY E 33 3.94 -27.33 16.62
C GLY E 33 5.19 -27.68 15.86
N ARG E 34 5.05 -28.52 14.83
CA ARG E 34 6.18 -28.91 14.01
C ARG E 34 6.53 -27.83 12.98
N GLU E 35 7.82 -27.61 12.80
CA GLU E 35 8.29 -26.63 11.82
C GLU E 35 8.29 -27.23 10.42
N LEU E 36 7.38 -26.74 9.57
CA LEU E 36 7.20 -27.34 8.25
C LEU E 36 8.04 -26.65 7.18
N GLY E 37 8.58 -25.49 7.51
CA GLY E 37 9.41 -24.72 6.59
C GLY E 37 9.57 -23.28 7.03
N MET E 38 10.39 -22.54 6.30
CA MET E 38 10.61 -21.14 6.60
C MET E 38 10.29 -20.26 5.40
N VAL E 39 9.83 -19.04 5.69
CA VAL E 39 9.52 -18.08 4.65
C VAL E 39 10.82 -17.50 4.08
N ALA E 40 10.88 -17.40 2.75
CA ALA E 40 12.02 -16.75 2.11
C ALA E 40 11.64 -15.32 1.75
N ASP E 41 12.16 -14.83 0.63
CA ASP E 41 11.80 -13.50 0.15
C ASP E 41 10.40 -13.52 -0.46
N GLU E 42 9.79 -12.35 -0.55
CA GLU E 42 8.53 -12.17 -1.26
C GLU E 42 7.42 -13.08 -0.74
N GLY E 43 7.45 -13.39 0.56
CA GLY E 43 6.41 -14.20 1.17
C GLY E 43 6.29 -15.61 0.61
N LEU E 44 7.35 -16.09 -0.03
CA LEU E 44 7.37 -17.45 -0.58
C LEU E 44 7.86 -18.45 0.46
N ALA E 45 7.19 -19.58 0.56
CA ALA E 45 7.56 -20.60 1.53
C ALA E 45 7.39 -22.01 0.95
N TRP E 46 8.49 -22.75 0.89
CA TRP E 46 8.43 -24.14 0.46
C TRP E 46 8.34 -25.05 1.68
N LEU E 47 7.18 -25.68 1.83
CA LEU E 47 6.89 -26.47 3.02
C LEU E 47 6.90 -27.96 2.69
N SER E 48 7.05 -28.77 3.75
CA SER E 48 6.90 -30.21 3.63
C SER E 48 6.33 -30.74 4.95
N GLY E 49 5.83 -31.97 4.92
CA GLY E 49 5.19 -32.56 6.08
C GLY E 49 3.89 -31.87 6.39
N VAL E 50 3.26 -31.32 5.35
CA VAL E 50 2.01 -30.59 5.50
C VAL E 50 0.81 -31.52 5.44
N THR E 51 -0.14 -31.32 6.35
CA THR E 51 -1.34 -32.13 6.38
C THR E 51 -2.53 -31.36 5.82
N PRO E 52 -3.14 -31.89 4.75
CA PRO E 52 -4.32 -31.23 4.18
C PRO E 52 -5.38 -30.96 5.24
N GLY E 53 -5.94 -29.76 5.23
CA GLY E 53 -7.02 -29.42 6.14
C GLY E 53 -6.57 -28.80 7.45
N GLU E 54 -5.27 -28.86 7.73
CA GLU E 54 -4.75 -28.35 9.01
C GLU E 54 -4.54 -26.84 9.00
N THR E 55 -4.41 -26.28 10.19
CA THR E 55 -4.15 -24.85 10.34
C THR E 55 -2.68 -24.62 10.68
N LEU E 56 -2.00 -23.84 9.84
CA LEU E 56 -0.60 -23.53 10.09
C LEU E 56 -0.46 -22.16 10.74
N SER E 57 0.58 -22.00 11.55
CA SER E 57 0.89 -20.71 12.13
C SER E 57 2.15 -20.15 11.53
N VAL E 58 2.16 -18.85 11.28
CA VAL E 58 3.35 -18.18 10.78
C VAL E 58 3.93 -17.35 11.90
N ASN E 59 5.17 -17.65 12.29
CA ASN E 59 5.80 -16.99 13.42
C ASN E 59 7.00 -16.15 13.03
N TRP E 60 7.07 -14.95 13.60
CA TRP E 60 8.29 -14.15 13.56
C TRP E 60 8.30 -13.18 14.72
N ASP E 61 9.46 -12.60 15.00
CA ASP E 61 9.64 -11.73 16.15
C ASP E 61 9.03 -12.31 17.43
N GLY E 62 9.09 -13.64 17.54
CA GLY E 62 8.77 -14.32 18.78
C GLY E 62 7.33 -14.67 19.07
N LYS E 63 6.46 -14.66 18.06
CA LYS E 63 5.07 -15.02 18.29
C LYS E 63 4.30 -15.40 17.02
N ILE E 64 3.13 -15.98 17.22
CA ILE E 64 2.23 -16.29 16.12
C ILE E 64 1.62 -14.99 15.60
N GLN E 65 1.99 -14.63 14.38
CA GLN E 65 1.54 -13.37 13.78
C GLN E 65 0.23 -13.56 13.03
N CYS E 66 0.10 -14.70 12.36
N CYS E 66 0.10 -14.71 12.37
CA CYS E 66 -1.10 -15.02 11.61
CA CYS E 66 -1.10 -15.02 11.61
C CYS E 66 -1.17 -16.51 11.31
C CYS E 66 -1.17 -16.52 11.32
N GLN E 67 -2.31 -16.98 10.84
CA GLN E 67 -2.51 -18.39 10.56
C GLN E 67 -3.10 -18.61 9.18
N VAL E 68 -2.86 -19.80 8.62
CA VAL E 68 -3.40 -20.15 7.32
C VAL E 68 -4.12 -21.48 7.42
N ASN E 69 -5.10 -21.67 6.53
CA ASN E 69 -5.81 -22.94 6.44
C ASN E 69 -5.45 -23.69 5.16
N VAL E 70 -4.78 -24.83 5.32
CA VAL E 70 -4.47 -25.68 4.18
C VAL E 70 -5.73 -26.39 3.72
N PRO E 71 -6.11 -26.18 2.45
CA PRO E 71 -7.27 -26.86 1.87
C PRO E 71 -7.19 -28.37 2.06
N GLU E 72 -8.32 -29.01 2.28
CA GLU E 72 -8.36 -30.45 2.50
C GLU E 72 -8.02 -31.18 1.21
N THR E 73 -8.10 -30.47 0.09
CA THR E 73 -7.81 -31.06 -1.21
C THR E 73 -6.36 -30.86 -1.65
N ALA E 74 -5.53 -30.36 -0.75
CA ALA E 74 -4.13 -30.11 -1.07
C ALA E 74 -3.37 -31.41 -1.32
N ILE E 75 -2.58 -31.43 -2.40
CA ILE E 75 -1.76 -32.58 -2.73
C ILE E 75 -0.29 -32.14 -2.83
N SER E 76 0.61 -33.11 -2.94
CA SER E 76 2.04 -32.81 -2.86
C SER E 76 2.59 -31.97 -4.01
N ASP E 77 3.46 -31.03 -3.69
CA ASP E 77 4.04 -30.10 -4.66
C ASP E 77 3.00 -29.19 -5.31
N GLN E 78 1.82 -29.10 -4.72
CA GLN E 78 0.84 -28.13 -5.18
C GLN E 78 1.27 -26.73 -4.75
N GLN E 79 0.93 -25.74 -5.57
CA GLN E 79 1.21 -24.35 -5.26
C GLN E 79 -0.10 -23.66 -4.88
N LEU E 80 -0.11 -23.01 -3.72
CA LEU E 80 -1.32 -22.33 -3.25
C LEU E 80 -1.06 -20.94 -2.69
N LEU E 81 -1.98 -20.02 -2.97
CA LEU E 81 -2.08 -18.78 -2.22
C LEU E 81 -2.65 -19.14 -0.86
N LEU E 82 -1.93 -18.81 0.21
CA LEU E 82 -2.45 -19.03 1.55
C LEU E 82 -2.63 -17.71 2.29
N PRO E 83 -3.86 -17.18 2.27
CA PRO E 83 -4.19 -15.94 3.00
C PRO E 83 -3.85 -16.08 4.48
N CYS E 84 -2.99 -15.20 4.98
N CYS E 84 -2.97 -15.21 4.97
CA CYS E 84 -2.57 -15.26 6.38
CA CYS E 84 -2.57 -15.20 6.37
C CYS E 84 -3.35 -14.27 7.23
C CYS E 84 -3.45 -14.24 7.16
N THR E 85 -4.24 -14.80 8.04
CA THR E 85 -5.08 -13.99 8.87
C THR E 85 -4.53 -13.90 10.25
N PRO E 86 -4.50 -12.69 10.76
CA PRO E 86 -3.86 -12.46 12.06
C PRO E 86 -4.77 -12.91 13.18
CO CO F . 18.66 13.57 -4.06
CO CO G . 23.66 11.43 -11.12
#